data_2IBF
#
_entry.id   2IBF
#
_cell.length_a   154.478
_cell.length_b   154.478
_cell.length_c   154.478
_cell.angle_alpha   90.00
_cell.angle_beta   90.00
_cell.angle_gamma   90.00
#
_symmetry.space_group_name_H-M   'P 43 3 2'
#
loop_
_entity.id
_entity.type
_entity.pdbx_description
1 polymer Vinculin
2 polymer 'Invasin ipaA'
#
loop_
_entity_poly.entity_id
_entity_poly.type
_entity_poly.pdbx_seq_one_letter_code
_entity_poly.pdbx_strand_id
1 'polypeptide(L)'
;MEHHHHHHMPVFHTRTIESILEPVAQQISHLVIMHEEGEVDGKAIPDLTAPVAAVQAAVSNLVRVGKETVQTTEDQILKR
DMPPAFIKVENACTKLVQAAQMLQSDPYSVPARDYLIDGSRGILSGTSDLLLTFDEAEVRKIIRVCKGILEYLTVAEVVE
TMEDLVTYTKNLGPGMTKMAKMIDERQQELTHQEHRVMLVNSMNTVKELLPVLISAMKIFVTTKNSKNQGIEEALKNRNF
TVEKMSAEINEIIRVLQLTSWDEDAW
;
A
2 'polypeptide(L)' NHAIYEKAKEVSSALSKVLSKIDDT B,D
#
# COMPACT_ATOMS: atom_id res chain seq x y z
N MET A 9 15.06 -5.25 -9.68
CA MET A 9 14.45 -4.25 -10.55
C MET A 9 13.84 -3.11 -9.74
N PRO A 10 13.64 -1.95 -10.39
CA PRO A 10 13.05 -0.77 -9.74
C PRO A 10 11.57 -1.02 -9.44
N VAL A 11 11.29 -2.20 -8.89
CA VAL A 11 9.92 -2.58 -8.55
C VAL A 11 9.36 -1.78 -7.38
N PHE A 12 9.95 -0.62 -7.14
CA PHE A 12 9.50 0.25 -6.06
C PHE A 12 8.27 1.02 -6.53
N HIS A 13 7.13 0.34 -6.53
CA HIS A 13 5.84 1.00 -6.73
C HIS A 13 5.22 1.70 -5.52
N THR A 14 6.05 1.96 -4.51
CA THR A 14 5.61 2.69 -3.33
C THR A 14 6.76 3.58 -2.86
N ARG A 15 6.43 4.66 -2.16
CA ARG A 15 7.44 5.60 -1.70
C ARG A 15 8.25 5.01 -0.53
N THR A 16 7.63 4.10 0.21
CA THR A 16 8.29 3.47 1.34
C THR A 16 9.18 2.31 0.85
N ILE A 17 8.61 1.48 -0.01
CA ILE A 17 9.35 0.35 -0.58
C ILE A 17 10.57 0.88 -1.31
N GLU A 18 10.43 2.06 -1.90
CA GLU A 18 11.50 2.70 -2.63
C GLU A 18 12.62 3.14 -1.69
N SER A 19 12.25 3.88 -0.65
CA SER A 19 13.22 4.37 0.32
C SER A 19 13.92 3.20 1.03
N ILE A 20 13.35 2.01 0.94
CA ILE A 20 13.92 0.83 1.57
C ILE A 20 14.89 0.09 0.65
N LEU A 21 14.49 -0.09 -0.60
CA LEU A 21 15.31 -0.82 -1.55
C LEU A 21 16.15 0.07 -2.47
N GLU A 22 15.97 1.38 -2.37
CA GLU A 22 16.71 2.30 -3.22
C GLU A 22 18.21 2.28 -2.94
N PRO A 23 18.61 2.60 -1.70
CA PRO A 23 20.02 2.63 -1.28
C PRO A 23 20.81 1.43 -1.79
N VAL A 24 20.30 0.23 -1.51
CA VAL A 24 20.95 -1.01 -1.93
C VAL A 24 20.81 -1.25 -3.43
N ALA A 25 19.71 -0.78 -4.00
CA ALA A 25 19.47 -0.96 -5.43
C ALA A 25 20.53 -0.23 -6.23
N GLN A 26 21.03 0.87 -5.67
CA GLN A 26 22.07 1.67 -6.32
C GLN A 26 23.40 0.92 -6.30
N GLN A 27 23.80 0.48 -5.11
CA GLN A 27 25.05 -0.24 -4.96
C GLN A 27 25.12 -1.42 -5.93
N ILE A 28 23.99 -2.06 -6.18
CA ILE A 28 23.93 -3.18 -7.10
C ILE A 28 24.21 -2.74 -8.53
N SER A 29 23.73 -1.55 -8.88
CA SER A 29 23.94 -1.00 -10.22
C SER A 29 25.44 -0.87 -10.49
N HIS A 30 26.16 -0.36 -9.50
CA HIS A 30 27.60 -0.18 -9.60
C HIS A 30 28.28 -1.51 -9.92
N LEU A 31 28.05 -2.49 -9.04
CA LEU A 31 28.62 -3.82 -9.19
C LEU A 31 28.47 -4.32 -10.63
N VAL A 32 27.26 -4.17 -11.18
CA VAL A 32 26.98 -4.58 -12.54
C VAL A 32 27.69 -3.64 -13.52
N ILE A 33 27.57 -2.35 -13.25
CA ILE A 33 28.20 -1.34 -14.09
C ILE A 33 29.73 -1.54 -14.14
N MET A 34 30.32 -1.74 -12.97
CA MET A 34 31.76 -1.93 -12.87
C MET A 34 32.22 -3.30 -13.37
N HIS A 35 31.47 -4.34 -13.01
CA HIS A 35 31.80 -5.69 -13.44
C HIS A 35 31.79 -5.78 -14.97
N GLU A 36 31.10 -4.84 -15.60
CA GLU A 36 31.03 -4.81 -17.06
C GLU A 36 32.33 -4.24 -17.63
N GLU A 37 32.86 -3.22 -16.97
CA GLU A 37 34.10 -2.60 -17.41
C GLU A 37 35.29 -3.51 -17.13
N GLY A 38 35.15 -4.38 -16.15
CA GLY A 38 36.24 -5.25 -15.81
C GLY A 38 36.93 -4.77 -14.55
N GLU A 39 36.32 -3.81 -13.87
CA GLU A 39 36.90 -3.23 -12.66
C GLU A 39 36.35 -3.84 -11.38
N VAL A 40 35.44 -4.81 -11.54
CA VAL A 40 34.85 -5.49 -10.40
C VAL A 40 35.72 -6.67 -9.98
N ASP A 41 36.14 -7.46 -10.95
CA ASP A 41 37.01 -8.61 -10.69
C ASP A 41 38.42 -8.12 -10.39
N GLY A 42 38.57 -6.80 -10.28
CA GLY A 42 39.85 -6.17 -10.01
C GLY A 42 40.37 -6.42 -8.61
N LYS A 43 39.87 -5.64 -7.65
CA LYS A 43 40.33 -5.74 -6.27
C LYS A 43 40.19 -7.13 -5.66
N ALA A 44 41.01 -7.38 -4.63
CA ALA A 44 40.97 -8.64 -3.89
C ALA A 44 40.21 -8.38 -2.60
N ILE A 45 38.89 -8.49 -2.67
CA ILE A 45 38.00 -8.23 -1.55
C ILE A 45 38.22 -9.10 -0.33
N PRO A 46 38.06 -8.52 0.87
CA PRO A 46 38.18 -9.15 2.19
C PRO A 46 37.22 -10.32 2.31
N ASP A 47 37.08 -10.84 3.53
CA ASP A 47 36.19 -11.97 3.78
C ASP A 47 34.75 -11.52 3.95
N LEU A 48 33.87 -12.08 3.12
CA LEU A 48 32.45 -11.75 3.19
C LEU A 48 31.69 -12.88 3.87
N THR A 49 32.41 -13.66 4.67
CA THR A 49 31.81 -14.79 5.39
C THR A 49 31.01 -14.31 6.59
N ALA A 50 31.30 -13.11 7.08
CA ALA A 50 30.61 -12.54 8.22
C ALA A 50 29.36 -11.81 7.75
N PRO A 51 29.52 -10.86 6.82
CA PRO A 51 28.39 -10.07 6.30
C PRO A 51 27.36 -10.97 5.62
N VAL A 52 27.84 -11.90 4.80
CA VAL A 52 26.94 -12.82 4.09
C VAL A 52 26.18 -13.70 5.07
N ALA A 53 26.74 -13.86 6.26
CA ALA A 53 26.10 -14.66 7.30
C ALA A 53 24.97 -13.84 7.91
N ALA A 54 25.09 -12.52 7.80
CA ALA A 54 24.08 -11.60 8.31
C ALA A 54 22.86 -11.60 7.41
N VAL A 55 23.07 -11.32 6.13
CA VAL A 55 21.98 -11.30 5.16
C VAL A 55 21.24 -12.65 5.15
N GLN A 56 22.00 -13.72 5.35
CA GLN A 56 21.43 -15.06 5.39
C GLN A 56 20.48 -15.18 6.58
N ALA A 57 20.81 -14.48 7.65
CA ALA A 57 19.99 -14.47 8.85
C ALA A 57 18.82 -13.52 8.63
N ALA A 58 19.12 -12.36 8.05
CA ALA A 58 18.10 -11.35 7.78
C ALA A 58 17.02 -11.92 6.86
N VAL A 59 17.43 -12.69 5.87
CA VAL A 59 16.49 -13.29 4.93
C VAL A 59 15.60 -14.31 5.61
N SER A 60 16.17 -15.04 6.57
CA SER A 60 15.42 -16.06 7.30
C SER A 60 14.27 -15.43 8.08
N ASN A 61 14.53 -14.27 8.69
CA ASN A 61 13.50 -13.57 9.45
C ASN A 61 12.44 -13.00 8.51
N LEU A 62 12.89 -12.41 7.40
CA LEU A 62 11.97 -11.88 6.42
C LEU A 62 11.03 -12.99 5.98
N VAL A 63 11.63 -14.11 5.56
CA VAL A 63 10.86 -15.26 5.12
C VAL A 63 9.89 -15.73 6.21
N ARG A 64 10.41 -15.84 7.43
CA ARG A 64 9.61 -16.28 8.57
C ARG A 64 8.35 -15.43 8.72
N VAL A 65 8.53 -14.12 8.78
CA VAL A 65 7.41 -13.20 8.92
C VAL A 65 6.44 -13.38 7.77
N GLY A 66 6.94 -13.33 6.54
CA GLY A 66 6.12 -13.52 5.36
C GLY A 66 5.30 -14.79 5.48
N LYS A 67 5.92 -15.83 6.03
CA LYS A 67 5.25 -17.11 6.22
C LYS A 67 4.07 -16.96 7.19
N GLU A 68 4.26 -16.14 8.22
CA GLU A 68 3.20 -15.89 9.20
C GLU A 68 2.13 -15.03 8.55
N THR A 69 2.57 -14.00 7.84
CA THR A 69 1.67 -13.09 7.14
C THR A 69 0.65 -13.88 6.31
N VAL A 70 1.13 -14.92 5.64
CA VAL A 70 0.29 -15.78 4.82
C VAL A 70 -0.59 -16.63 5.74
N GLN A 71 -0.02 -17.05 6.85
CA GLN A 71 -0.73 -17.86 7.83
C GLN A 71 -1.99 -17.16 8.32
N THR A 72 -1.83 -15.91 8.74
CA THR A 72 -2.93 -15.11 9.28
C THR A 72 -3.89 -14.59 8.21
N THR A 73 -3.36 -13.82 7.28
CA THR A 73 -4.11 -13.19 6.19
C THR A 73 -5.36 -13.93 5.71
N GLU A 74 -6.35 -13.16 5.25
CA GLU A 74 -7.59 -13.72 4.72
C GLU A 74 -7.57 -13.55 3.21
N ASP A 75 -6.62 -12.75 2.74
CA ASP A 75 -6.46 -12.47 1.33
C ASP A 75 -5.89 -13.70 0.61
N GLN A 76 -6.71 -14.31 -0.24
CA GLN A 76 -6.29 -15.50 -0.97
C GLN A 76 -5.20 -15.21 -2.00
N ILE A 77 -5.23 -14.00 -2.56
CA ILE A 77 -4.24 -13.61 -3.55
C ILE A 77 -2.86 -13.48 -2.92
N LEU A 78 -2.81 -12.82 -1.77
CA LEU A 78 -1.55 -12.65 -1.06
C LEU A 78 -1.10 -14.01 -0.55
N LYS A 79 -2.07 -14.86 -0.22
CA LYS A 79 -1.80 -16.20 0.26
C LYS A 79 -1.04 -17.04 -0.76
N ARG A 80 -1.30 -16.79 -2.04
CA ARG A 80 -0.68 -17.56 -3.11
C ARG A 80 0.42 -16.82 -3.87
N ASP A 81 0.59 -15.53 -3.61
CA ASP A 81 1.60 -14.76 -4.30
C ASP A 81 2.86 -14.53 -3.48
N MET A 82 2.72 -14.63 -2.16
CA MET A 82 3.84 -14.42 -1.26
C MET A 82 4.87 -15.54 -1.29
N PRO A 83 4.43 -16.80 -1.10
CA PRO A 83 5.28 -17.99 -1.08
C PRO A 83 6.45 -17.95 -2.06
N PRO A 84 6.16 -17.66 -3.35
CA PRO A 84 7.21 -17.61 -4.37
C PRO A 84 8.25 -16.55 -4.05
N ALA A 85 7.79 -15.38 -3.61
CA ALA A 85 8.70 -14.30 -3.26
C ALA A 85 9.69 -14.84 -2.23
N PHE A 86 9.23 -15.77 -1.40
CA PHE A 86 10.07 -16.40 -0.40
C PHE A 86 11.16 -17.17 -1.12
N ILE A 87 10.73 -18.13 -1.93
CA ILE A 87 11.65 -18.97 -2.70
C ILE A 87 12.69 -18.13 -3.42
N LYS A 88 12.24 -17.07 -4.10
CA LYS A 88 13.14 -16.20 -4.83
C LYS A 88 14.29 -15.70 -3.96
N VAL A 89 13.97 -14.96 -2.91
CA VAL A 89 15.00 -14.44 -2.02
C VAL A 89 15.81 -15.57 -1.40
N GLU A 90 15.13 -16.68 -1.11
CA GLU A 90 15.81 -17.82 -0.50
C GLU A 90 16.93 -18.41 -1.36
N ASN A 91 16.66 -18.72 -2.62
CA ASN A 91 17.71 -19.28 -3.48
C ASN A 91 18.65 -18.22 -4.03
N ALA A 92 18.20 -16.97 -4.06
CA ALA A 92 19.05 -15.87 -4.53
C ALA A 92 20.06 -15.62 -3.43
N CYS A 93 19.67 -15.99 -2.21
CA CYS A 93 20.52 -15.83 -1.04
C CYS A 93 21.63 -16.89 -1.07
N THR A 94 21.31 -18.05 -1.62
CA THR A 94 22.29 -19.14 -1.71
C THR A 94 23.37 -18.82 -2.73
N LYS A 95 23.00 -18.13 -3.80
CA LYS A 95 23.97 -17.73 -4.81
C LYS A 95 24.93 -16.76 -4.14
N LEU A 96 24.37 -15.91 -3.28
CA LEU A 96 25.15 -14.93 -2.53
C LEU A 96 26.18 -15.65 -1.66
N VAL A 97 25.70 -16.65 -0.92
CA VAL A 97 26.57 -17.44 -0.05
C VAL A 97 27.67 -18.13 -0.86
N GLN A 98 27.28 -18.77 -1.94
CA GLN A 98 28.22 -19.46 -2.82
C GLN A 98 29.35 -18.53 -3.23
N ALA A 99 29.00 -17.35 -3.72
CA ALA A 99 29.98 -16.37 -4.15
C ALA A 99 30.96 -16.03 -3.03
N ALA A 100 30.45 -15.98 -1.80
CA ALA A 100 31.28 -15.67 -0.64
C ALA A 100 32.37 -16.74 -0.47
N GLN A 101 31.99 -17.99 -0.67
CA GLN A 101 32.93 -19.09 -0.56
C GLN A 101 33.92 -19.01 -1.72
N MET A 102 33.40 -18.86 -2.92
CA MET A 102 34.22 -18.76 -4.12
C MET A 102 35.27 -17.66 -3.94
N LEU A 103 34.90 -16.59 -3.24
CA LEU A 103 35.82 -15.49 -3.00
C LEU A 103 36.74 -15.77 -1.82
N GLN A 104 36.25 -16.52 -0.84
CA GLN A 104 37.09 -16.86 0.31
C GLN A 104 38.27 -17.70 -0.17
N SER A 105 38.06 -18.43 -1.26
CA SER A 105 39.11 -19.24 -1.85
C SER A 105 39.98 -18.34 -2.72
N ASP A 106 39.36 -17.76 -3.75
CA ASP A 106 40.06 -16.86 -4.66
C ASP A 106 39.38 -15.48 -4.69
N PRO A 107 40.03 -14.47 -4.12
CA PRO A 107 39.54 -13.10 -4.05
C PRO A 107 39.53 -12.39 -5.41
N TYR A 108 39.71 -13.18 -6.47
CA TYR A 108 39.75 -12.61 -7.81
C TYR A 108 38.78 -13.29 -8.78
N SER A 109 38.08 -14.32 -8.30
CA SER A 109 37.14 -15.05 -9.14
C SER A 109 36.11 -14.15 -9.81
N VAL A 110 36.09 -14.17 -11.14
CA VAL A 110 35.14 -13.37 -11.90
C VAL A 110 33.77 -14.04 -11.92
N PRO A 111 33.73 -15.38 -11.74
CA PRO A 111 32.42 -16.03 -11.71
C PRO A 111 31.79 -15.85 -10.34
N ALA A 112 32.63 -15.64 -9.34
CA ALA A 112 32.16 -15.40 -7.98
C ALA A 112 31.44 -14.06 -7.97
N ARG A 113 31.95 -13.13 -8.76
CA ARG A 113 31.36 -11.80 -8.88
C ARG A 113 30.05 -11.91 -9.66
N ASP A 114 29.96 -12.93 -10.51
CA ASP A 114 28.76 -13.17 -11.29
C ASP A 114 27.65 -13.59 -10.34
N TYR A 115 27.98 -14.48 -9.41
CA TYR A 115 27.03 -14.95 -8.41
C TYR A 115 26.76 -13.83 -7.42
N LEU A 116 27.83 -13.14 -7.03
CA LEU A 116 27.75 -12.03 -6.08
C LEU A 116 26.76 -10.99 -6.58
N ILE A 117 26.64 -10.89 -7.91
CA ILE A 117 25.72 -9.92 -8.52
C ILE A 117 24.34 -10.51 -8.73
N ASP A 118 24.29 -11.68 -9.35
CA ASP A 118 23.01 -12.34 -9.61
C ASP A 118 22.25 -12.55 -8.30
N GLY A 119 22.98 -12.83 -7.23
CA GLY A 119 22.41 -13.06 -5.92
C GLY A 119 21.86 -11.80 -5.28
N SER A 120 22.62 -10.71 -5.37
CA SER A 120 22.19 -9.43 -4.82
C SER A 120 20.91 -8.98 -5.50
N ARG A 121 20.81 -9.22 -6.79
CA ARG A 121 19.64 -8.84 -7.53
C ARG A 121 18.45 -9.72 -7.18
N GLY A 122 18.73 -10.97 -6.85
CA GLY A 122 17.71 -11.91 -6.44
C GLY A 122 17.15 -11.53 -5.08
N ILE A 123 18.03 -11.08 -4.20
CA ILE A 123 17.62 -10.66 -2.85
C ILE A 123 16.79 -9.39 -2.96
N LEU A 124 17.31 -8.42 -3.70
CA LEU A 124 16.62 -7.15 -3.88
C LEU A 124 15.30 -7.33 -4.63
N SER A 125 15.29 -8.23 -5.60
CA SER A 125 14.07 -8.48 -6.37
C SER A 125 13.03 -9.18 -5.50
N GLY A 126 13.44 -10.28 -4.88
CA GLY A 126 12.56 -11.04 -4.01
C GLY A 126 11.97 -10.17 -2.92
N THR A 127 12.80 -9.33 -2.32
CA THR A 127 12.35 -8.43 -1.27
C THR A 127 11.29 -7.49 -1.83
N SER A 128 11.50 -7.04 -3.06
CA SER A 128 10.56 -6.14 -3.72
C SER A 128 9.21 -6.82 -3.89
N ASP A 129 9.23 -8.01 -4.50
CA ASP A 129 8.00 -8.78 -4.71
C ASP A 129 7.29 -8.95 -3.38
N LEU A 130 8.05 -9.41 -2.38
CA LEU A 130 7.52 -9.63 -1.04
C LEU A 130 6.71 -8.42 -0.57
N LEU A 131 7.38 -7.27 -0.47
CA LEU A 131 6.73 -6.05 -0.03
C LEU A 131 5.57 -5.65 -0.93
N LEU A 132 5.85 -5.57 -2.24
CA LEU A 132 4.83 -5.18 -3.21
C LEU A 132 3.57 -6.03 -3.15
N THR A 133 3.76 -7.34 -2.98
CA THR A 133 2.63 -8.26 -2.90
C THR A 133 1.82 -7.94 -1.64
N PHE A 134 2.53 -7.80 -0.54
CA PHE A 134 1.91 -7.49 0.74
C PHE A 134 1.12 -6.19 0.64
N ASP A 135 1.78 -5.15 0.15
CA ASP A 135 1.18 -3.83 -0.01
C ASP A 135 -0.10 -3.87 -0.84
N GLU A 136 -0.06 -4.56 -1.97
CA GLU A 136 -1.22 -4.67 -2.86
C GLU A 136 -2.43 -5.26 -2.14
N ALA A 137 -2.17 -6.08 -1.13
CA ALA A 137 -3.23 -6.68 -0.35
C ALA A 137 -3.82 -5.61 0.55
N GLU A 138 -2.98 -4.67 0.95
CA GLU A 138 -3.39 -3.56 1.80
C GLU A 138 -4.27 -2.61 1.00
N VAL A 139 -3.97 -2.49 -0.29
CA VAL A 139 -4.74 -1.62 -1.17
C VAL A 139 -6.13 -2.20 -1.39
N ARG A 140 -6.24 -3.52 -1.30
CA ARG A 140 -7.53 -4.19 -1.46
C ARG A 140 -8.37 -3.99 -0.21
N LYS A 141 -7.71 -3.68 0.90
CA LYS A 141 -8.39 -3.41 2.16
C LYS A 141 -9.08 -2.06 2.00
N ILE A 142 -8.41 -1.15 1.32
CA ILE A 142 -8.95 0.18 1.08
C ILE A 142 -10.12 0.06 0.12
N ILE A 143 -9.91 -0.64 -0.99
CA ILE A 143 -10.96 -0.85 -1.98
C ILE A 143 -12.21 -1.40 -1.32
N ARG A 144 -12.03 -2.37 -0.44
CA ARG A 144 -13.15 -2.98 0.27
C ARG A 144 -13.91 -1.92 1.07
N VAL A 145 -13.18 -1.12 1.85
CA VAL A 145 -13.78 -0.07 2.66
C VAL A 145 -14.57 0.89 1.78
N CYS A 146 -13.96 1.29 0.66
CA CYS A 146 -14.61 2.20 -0.27
C CYS A 146 -15.88 1.59 -0.84
N LYS A 147 -15.78 0.32 -1.23
CA LYS A 147 -16.93 -0.40 -1.77
C LYS A 147 -18.02 -0.49 -0.72
N GLY A 148 -17.62 -0.36 0.54
CA GLY A 148 -18.55 -0.39 1.65
C GLY A 148 -19.30 0.93 1.72
N ILE A 149 -18.55 2.03 1.68
CA ILE A 149 -19.14 3.36 1.71
C ILE A 149 -20.11 3.49 0.55
N LEU A 150 -19.68 3.03 -0.62
CA LEU A 150 -20.51 3.08 -1.82
C LEU A 150 -21.88 2.47 -1.55
N GLU A 151 -21.88 1.31 -0.91
CA GLU A 151 -23.12 0.60 -0.60
C GLU A 151 -24.05 1.40 0.30
N TYR A 152 -23.53 1.84 1.45
CA TYR A 152 -24.31 2.59 2.41
C TYR A 152 -24.87 3.90 1.86
N LEU A 153 -24.13 4.52 0.95
CA LEU A 153 -24.56 5.77 0.35
C LEU A 153 -25.97 5.62 -0.23
N THR A 154 -26.22 4.49 -0.87
CA THR A 154 -27.52 4.21 -1.47
C THR A 154 -28.59 4.10 -0.39
N VAL A 155 -28.19 3.67 0.80
CA VAL A 155 -29.13 3.52 1.90
C VAL A 155 -29.70 4.88 2.29
N ALA A 156 -29.06 5.94 1.83
CA ALA A 156 -29.50 7.30 2.13
C ALA A 156 -30.79 7.63 1.38
N GLU A 157 -31.21 6.74 0.49
CA GLU A 157 -32.41 6.96 -0.29
C GLU A 157 -33.65 6.36 0.35
N VAL A 158 -33.47 5.68 1.48
CA VAL A 158 -34.59 5.07 2.19
C VAL A 158 -34.81 5.76 3.53
N VAL A 159 -33.99 6.77 3.81
CA VAL A 159 -34.10 7.53 5.05
C VAL A 159 -35.30 8.46 4.95
N GLU A 160 -36.34 8.17 5.72
CA GLU A 160 -37.56 8.98 5.66
C GLU A 160 -37.90 9.73 6.95
N THR A 161 -37.08 9.59 7.98
CA THR A 161 -37.34 10.27 9.24
C THR A 161 -36.09 10.82 9.92
N MET A 162 -36.28 11.73 10.89
CA MET A 162 -35.14 12.32 11.61
C MET A 162 -34.38 11.25 12.34
N GLU A 163 -35.11 10.26 12.84
CA GLU A 163 -34.49 9.19 13.58
C GLU A 163 -33.62 8.38 12.64
N ASP A 164 -34.10 8.19 11.42
CA ASP A 164 -33.35 7.47 10.41
C ASP A 164 -32.11 8.26 10.06
N LEU A 165 -32.28 9.56 9.89
CA LEU A 165 -31.17 10.44 9.57
C LEU A 165 -30.11 10.35 10.66
N VAL A 166 -30.55 10.36 11.91
CA VAL A 166 -29.63 10.27 13.04
C VAL A 166 -28.81 8.99 12.90
N THR A 167 -29.49 7.87 12.68
CA THR A 167 -28.85 6.58 12.52
C THR A 167 -27.86 6.61 11.36
N TYR A 168 -28.37 6.98 10.18
CA TYR A 168 -27.56 7.05 8.98
C TYR A 168 -26.25 7.82 9.20
N THR A 169 -26.37 9.06 9.67
CA THR A 169 -25.18 9.88 9.91
C THR A 169 -24.23 9.19 10.89
N LYS A 170 -24.80 8.58 11.92
CA LYS A 170 -24.00 7.88 12.93
C LYS A 170 -23.18 6.76 12.30
N ASN A 171 -23.72 6.15 11.26
CA ASN A 171 -23.04 5.05 10.58
C ASN A 171 -22.08 5.52 9.50
N LEU A 172 -22.58 6.35 8.59
CA LEU A 172 -21.75 6.88 7.52
C LEU A 172 -20.49 7.53 8.10
N GLY A 173 -20.69 8.36 9.12
CA GLY A 173 -19.61 9.08 9.79
C GLY A 173 -18.33 8.29 10.00
N PRO A 174 -18.42 7.13 10.66
CA PRO A 174 -17.27 6.28 10.96
C PRO A 174 -16.56 5.76 9.72
N GLY A 175 -17.30 5.10 8.83
CA GLY A 175 -16.73 4.57 7.60
C GLY A 175 -16.17 5.72 6.77
N MET A 176 -16.92 6.81 6.75
CA MET A 176 -16.50 8.00 6.02
C MET A 176 -15.17 8.47 6.59
N THR A 177 -14.97 8.18 7.87
CA THR A 177 -13.74 8.56 8.58
C THR A 177 -12.60 7.60 8.26
N LYS A 178 -12.90 6.31 8.27
CA LYS A 178 -11.90 5.28 8.00
C LYS A 178 -11.30 5.40 6.61
N MET A 179 -12.15 5.50 5.60
CA MET A 179 -11.68 5.62 4.22
C MET A 179 -10.94 6.93 4.02
N ALA A 180 -11.26 7.93 4.84
CA ALA A 180 -10.61 9.22 4.75
C ALA A 180 -9.18 9.09 5.29
N LYS A 181 -9.04 8.33 6.37
CA LYS A 181 -7.75 8.10 6.99
C LYS A 181 -6.90 7.16 6.13
N MET A 182 -7.54 6.22 5.46
CA MET A 182 -6.85 5.28 4.61
C MET A 182 -6.33 5.94 3.33
N ILE A 183 -7.14 6.84 2.77
CA ILE A 183 -6.74 7.54 1.56
C ILE A 183 -5.62 8.52 1.87
N ASP A 184 -5.57 8.99 3.11
CA ASP A 184 -4.54 9.92 3.52
C ASP A 184 -3.15 9.29 3.46
N GLU A 185 -2.99 8.16 4.14
CA GLU A 185 -1.72 7.45 4.13
C GLU A 185 -1.44 7.03 2.71
N ARG A 186 -2.50 6.56 2.07
CA ARG A 186 -2.42 6.08 0.67
C ARG A 186 -1.72 7.11 -0.25
N GLN A 187 -2.36 8.25 -0.49
CA GLN A 187 -1.80 9.26 -1.37
C GLN A 187 -0.34 9.60 -1.09
N GLN A 188 0.10 9.41 0.16
CA GLN A 188 1.48 9.71 0.53
C GLN A 188 2.47 8.71 -0.07
N GLU A 189 2.08 7.44 -0.09
CA GLU A 189 2.93 6.37 -0.60
C GLU A 189 2.99 6.31 -2.12
N LEU A 190 2.07 6.97 -2.80
CA LEU A 190 2.03 6.95 -4.25
C LEU A 190 3.31 7.52 -4.87
N THR A 191 3.72 6.97 -6.00
CA THR A 191 4.96 7.41 -6.66
C THR A 191 4.73 8.15 -7.96
N HIS A 192 3.48 8.50 -8.23
CA HIS A 192 3.12 9.24 -9.45
C HIS A 192 2.19 10.38 -9.08
N GLN A 193 2.59 11.61 -9.42
CA GLN A 193 1.79 12.80 -9.11
C GLN A 193 0.34 12.63 -9.52
N GLU A 194 0.12 12.49 -10.83
CA GLU A 194 -1.21 12.35 -11.42
C GLU A 194 -2.17 11.51 -10.58
N HIS A 195 -1.71 10.36 -10.12
CA HIS A 195 -2.53 9.49 -9.28
C HIS A 195 -2.83 10.16 -7.95
N ARG A 196 -1.77 10.65 -7.31
CA ARG A 196 -1.90 11.32 -6.01
C ARG A 196 -2.91 12.46 -6.08
N VAL A 197 -2.88 13.25 -7.15
CA VAL A 197 -3.80 14.35 -7.28
C VAL A 197 -5.24 13.85 -7.31
N MET A 198 -5.54 12.98 -8.27
CA MET A 198 -6.88 12.41 -8.39
C MET A 198 -7.33 11.81 -7.07
N LEU A 199 -6.48 10.97 -6.49
CA LEU A 199 -6.79 10.34 -5.22
C LEU A 199 -7.14 11.40 -4.18
N VAL A 200 -6.30 12.43 -4.07
CA VAL A 200 -6.51 13.50 -3.11
C VAL A 200 -7.72 14.37 -3.43
N ASN A 201 -7.76 14.90 -4.65
CA ASN A 201 -8.84 15.76 -5.08
C ASN A 201 -10.19 15.09 -4.93
N SER A 202 -10.28 13.85 -5.41
CA SER A 202 -11.52 13.09 -5.35
C SER A 202 -11.99 12.86 -3.91
N MET A 203 -11.06 12.53 -3.03
CA MET A 203 -11.40 12.28 -1.63
C MET A 203 -11.86 13.56 -0.94
N ASN A 204 -11.32 14.68 -1.39
CA ASN A 204 -11.68 15.96 -0.83
C ASN A 204 -13.16 16.22 -1.15
N THR A 205 -13.51 16.06 -2.43
CA THR A 205 -14.88 16.26 -2.91
C THR A 205 -15.84 15.47 -2.03
N VAL A 206 -15.52 14.19 -1.83
CA VAL A 206 -16.33 13.33 -0.99
C VAL A 206 -16.51 13.97 0.38
N LYS A 207 -15.44 14.55 0.90
CA LYS A 207 -15.48 15.21 2.21
C LYS A 207 -16.38 16.44 2.14
N GLU A 208 -16.21 17.22 1.08
CA GLU A 208 -17.00 18.43 0.87
C GLU A 208 -18.49 18.14 0.81
N LEU A 209 -18.85 17.11 0.05
CA LEU A 209 -20.25 16.75 -0.17
C LEU A 209 -20.97 16.07 0.98
N LEU A 210 -20.24 15.41 1.88
CA LEU A 210 -20.86 14.71 3.00
C LEU A 210 -21.87 15.57 3.76
N PRO A 211 -21.45 16.76 4.21
CA PRO A 211 -22.35 17.67 4.93
C PRO A 211 -23.49 18.13 4.03
N VAL A 212 -23.21 18.17 2.73
CA VAL A 212 -24.21 18.57 1.75
C VAL A 212 -25.23 17.46 1.60
N LEU A 213 -24.76 16.22 1.65
CA LEU A 213 -25.63 15.07 1.52
C LEU A 213 -26.55 14.96 2.74
N ILE A 214 -26.04 15.38 3.88
CA ILE A 214 -26.82 15.33 5.12
C ILE A 214 -27.89 16.43 5.11
N SER A 215 -27.56 17.56 4.51
CA SER A 215 -28.49 18.67 4.40
C SER A 215 -29.65 18.24 3.52
N ALA A 216 -29.31 17.79 2.30
CA ALA A 216 -30.30 17.34 1.34
C ALA A 216 -31.25 16.32 1.98
N MET A 217 -30.72 15.56 2.94
CA MET A 217 -31.51 14.55 3.63
C MET A 217 -32.42 15.19 4.67
N LYS A 218 -31.87 16.13 5.43
CA LYS A 218 -32.65 16.83 6.45
C LYS A 218 -33.76 17.61 5.79
N ILE A 219 -33.41 18.33 4.72
CA ILE A 219 -34.39 19.11 3.98
C ILE A 219 -35.50 18.22 3.47
N PHE A 220 -35.12 17.11 2.84
CA PHE A 220 -36.12 16.18 2.32
C PHE A 220 -36.96 15.61 3.46
N VAL A 221 -36.29 14.90 4.37
CA VAL A 221 -36.98 14.29 5.50
C VAL A 221 -37.85 15.30 6.23
N THR A 222 -37.52 16.59 6.10
CA THR A 222 -38.29 17.65 6.75
C THR A 222 -39.39 18.18 5.82
N THR A 223 -39.02 18.61 4.62
CA THR A 223 -39.99 19.12 3.67
C THR A 223 -41.08 18.08 3.45
N LYS A 224 -40.69 16.80 3.56
CA LYS A 224 -41.63 15.70 3.38
C LYS A 224 -42.53 15.62 4.60
N ASN A 225 -41.91 15.92 5.75
CA ASN A 225 -42.61 16.06 7.01
C ASN A 225 -43.43 17.36 6.80
N SER A 226 -42.79 18.49 6.73
CA SER A 226 -43.59 19.62 6.35
C SER A 226 -44.37 19.13 5.15
N LYS A 227 -45.51 18.46 5.39
CA LYS A 227 -46.34 17.94 4.31
C LYS A 227 -46.96 19.06 3.47
N ASN A 228 -47.04 18.88 2.14
CA ASN A 228 -47.63 19.94 1.31
C ASN A 228 -46.56 20.99 0.97
N GLN A 229 -45.48 20.55 0.41
CA GLN A 229 -44.40 21.46 0.05
C GLN A 229 -43.63 20.88 -1.12
N GLY A 230 -42.87 21.69 -1.86
CA GLY A 230 -42.09 21.17 -3.01
C GLY A 230 -41.08 20.10 -2.58
N ILE A 231 -41.34 18.81 -2.96
CA ILE A 231 -40.46 17.66 -2.58
C ILE A 231 -39.71 16.97 -3.76
N GLU A 232 -40.18 17.13 -5.02
CA GLU A 232 -39.52 16.53 -6.17
C GLU A 232 -38.10 17.08 -6.38
N GLU A 233 -37.83 18.20 -5.72
CA GLU A 233 -36.52 18.84 -5.83
C GLU A 233 -35.59 18.31 -4.74
N ALA A 234 -36.08 18.31 -3.49
CA ALA A 234 -35.31 17.82 -2.37
C ALA A 234 -34.81 16.42 -2.70
N LEU A 235 -35.69 15.63 -3.31
CA LEU A 235 -35.36 14.29 -3.74
C LEU A 235 -34.22 14.35 -4.75
N LYS A 236 -34.44 15.10 -5.83
CA LYS A 236 -33.46 15.25 -6.89
C LYS A 236 -32.12 15.74 -6.37
N ASN A 237 -32.15 16.64 -5.40
CA ASN A 237 -30.92 17.18 -4.83
C ASN A 237 -30.22 16.17 -3.93
N ARG A 238 -31.01 15.31 -3.30
CA ARG A 238 -30.45 14.28 -2.43
C ARG A 238 -29.84 13.18 -3.29
N ASN A 239 -30.56 12.80 -4.34
CA ASN A 239 -30.09 11.75 -5.24
C ASN A 239 -28.88 12.18 -6.05
N PHE A 240 -28.70 13.48 -6.23
CA PHE A 240 -27.56 13.99 -6.97
C PHE A 240 -26.29 13.87 -6.15
N THR A 241 -26.34 14.35 -4.91
CA THR A 241 -25.19 14.27 -4.02
C THR A 241 -24.80 12.81 -3.84
N VAL A 242 -25.81 11.95 -3.75
CA VAL A 242 -25.57 10.52 -3.60
C VAL A 242 -24.82 10.02 -4.83
N GLU A 243 -25.20 10.53 -5.99
CA GLU A 243 -24.57 10.16 -7.25
C GLU A 243 -23.16 10.73 -7.36
N LYS A 244 -23.02 12.02 -7.04
CA LYS A 244 -21.72 12.68 -7.10
C LYS A 244 -20.71 11.98 -6.20
N MET A 245 -21.08 11.79 -4.94
CA MET A 245 -20.20 11.12 -3.99
C MET A 245 -19.86 9.72 -4.47
N SER A 246 -20.87 9.01 -4.97
CA SER A 246 -20.68 7.66 -5.47
C SER A 246 -19.68 7.65 -6.63
N ALA A 247 -19.76 8.68 -7.47
CA ALA A 247 -18.85 8.80 -8.62
C ALA A 247 -17.43 9.07 -8.17
N GLU A 248 -17.27 9.94 -7.18
CA GLU A 248 -15.96 10.28 -6.65
C GLU A 248 -15.31 9.03 -6.05
N ILE A 249 -16.12 8.26 -5.32
CA ILE A 249 -15.63 7.05 -4.68
C ILE A 249 -15.18 6.01 -5.70
N ASN A 250 -15.78 6.04 -6.88
CA ASN A 250 -15.41 5.09 -7.93
C ASN A 250 -14.10 5.50 -8.60
N GLU A 251 -13.85 6.81 -8.65
CA GLU A 251 -12.61 7.32 -9.21
C GLU A 251 -11.49 6.87 -8.29
N ILE A 252 -11.79 6.85 -6.99
CA ILE A 252 -10.82 6.43 -5.98
C ILE A 252 -10.54 4.95 -6.11
N ILE A 253 -11.60 4.15 -6.19
CA ILE A 253 -11.46 2.72 -6.34
C ILE A 253 -10.69 2.44 -7.63
N ARG A 254 -11.08 3.13 -8.69
CA ARG A 254 -10.45 2.98 -10.00
C ARG A 254 -8.97 3.32 -9.98
N VAL A 255 -8.62 4.42 -9.31
CA VAL A 255 -7.24 4.84 -9.23
C VAL A 255 -6.44 3.82 -8.43
N LEU A 256 -6.89 3.54 -7.20
CA LEU A 256 -6.22 2.56 -6.35
C LEU A 256 -6.14 1.24 -7.10
N GLN A 257 -7.15 0.98 -7.94
CA GLN A 257 -7.21 -0.25 -8.71
C GLN A 257 -6.13 -0.26 -9.79
N LEU A 258 -5.92 0.90 -10.41
CA LEU A 258 -4.92 1.03 -11.47
C LEU A 258 -3.51 0.93 -10.92
N THR A 259 -3.31 1.48 -9.73
CA THR A 259 -1.98 1.51 -9.12
C THR A 259 -1.61 0.25 -8.31
N SER A 260 -2.44 -0.80 -8.41
CA SER A 260 -2.26 -2.11 -7.73
C SER A 260 -3.34 -3.10 -8.18
N TRP A 261 -2.84 -4.03 -8.96
CA TRP A 261 -3.51 -5.11 -9.69
C TRP A 261 -2.29 -5.85 -10.35
N ASP A 262 -1.83 -7.01 -9.84
CA ASP A 262 -0.58 -7.56 -10.38
C ASP A 262 -0.70 -8.71 -11.36
N GLU A 263 -1.85 -8.86 -11.95
CA GLU A 263 -2.22 -9.86 -12.97
C GLU A 263 -1.84 -11.28 -12.76
N ASP A 264 -1.60 -11.70 -11.55
CA ASP A 264 -1.39 -13.12 -11.45
C ASP A 264 -2.66 -13.71 -10.88
N ALA A 265 -3.61 -12.82 -10.70
CA ALA A 265 -4.84 -13.11 -9.99
C ALA A 265 -6.00 -13.53 -10.87
N TRP A 266 -5.83 -13.41 -12.19
CA TRP A 266 -6.91 -13.77 -13.09
C TRP A 266 -7.47 -15.17 -12.80
N ASN B 1 3.26 -7.90 10.37
CA ASN B 1 2.68 -7.37 9.14
C ASN B 1 3.34 -6.09 8.74
N HIS B 2 3.28 -5.14 9.62
CA HIS B 2 3.94 -3.91 9.38
C HIS B 2 5.40 -4.07 9.82
N ALA B 3 5.73 -5.37 9.97
CA ALA B 3 7.06 -5.82 10.36
C ALA B 3 7.73 -6.32 9.10
N ILE B 4 6.97 -6.93 8.23
CA ILE B 4 7.54 -7.34 7.00
C ILE B 4 8.47 -6.25 6.47
N TYR B 5 8.06 -5.02 6.74
CA TYR B 5 8.84 -3.87 6.30
C TYR B 5 10.07 -3.77 7.20
N GLU B 6 9.93 -4.23 8.43
CA GLU B 6 11.03 -4.23 9.38
C GLU B 6 12.12 -5.18 8.90
N LYS B 7 11.77 -6.45 8.75
CA LYS B 7 12.71 -7.46 8.29
C LYS B 7 13.26 -7.12 6.91
N ALA B 8 12.44 -6.44 6.11
CA ALA B 8 12.85 -6.05 4.77
C ALA B 8 13.98 -5.02 4.83
N LYS B 9 13.97 -4.22 5.88
CA LYS B 9 15.00 -3.21 6.09
C LYS B 9 16.28 -3.87 6.56
N GLU B 10 16.12 -5.00 7.27
CA GLU B 10 17.27 -5.73 7.80
C GLU B 10 18.01 -6.50 6.70
N VAL B 11 17.27 -7.07 5.76
CA VAL B 11 17.89 -7.78 4.65
C VAL B 11 18.42 -6.76 3.65
N SER B 12 17.76 -5.61 3.60
CA SER B 12 18.17 -4.53 2.71
C SER B 12 19.44 -3.88 3.27
N SER B 13 19.62 -4.00 4.58
CA SER B 13 20.79 -3.44 5.24
C SER B 13 21.97 -4.40 5.18
N ALA B 14 21.71 -5.68 5.43
CA ALA B 14 22.75 -6.70 5.37
C ALA B 14 23.34 -6.72 3.96
N LEU B 15 22.48 -6.81 2.96
CA LEU B 15 22.92 -6.82 1.57
C LEU B 15 23.77 -5.58 1.30
N SER B 16 23.46 -4.49 1.98
CA SER B 16 24.20 -3.24 1.83
C SER B 16 25.62 -3.38 2.35
N LYS B 17 25.75 -3.82 3.60
CA LYS B 17 27.06 -3.99 4.22
C LYS B 17 27.93 -4.89 3.33
N VAL B 18 27.35 -5.99 2.87
CA VAL B 18 28.07 -6.92 2.00
C VAL B 18 28.55 -6.21 0.74
N LEU B 19 27.65 -5.46 0.11
CA LEU B 19 27.97 -4.73 -1.11
C LEU B 19 29.06 -3.69 -0.91
N SER B 20 29.01 -2.99 0.22
CA SER B 20 29.99 -1.95 0.51
C SER B 20 31.33 -2.52 0.98
N LYS B 21 31.36 -3.84 1.20
CA LYS B 21 32.60 -4.50 1.62
C LYS B 21 33.38 -4.90 0.37
N ILE B 22 32.85 -4.49 -0.78
CA ILE B 22 33.48 -4.76 -2.07
C ILE B 22 33.76 -3.41 -2.73
N ASP B 23 33.32 -2.35 -2.06
CA ASP B 23 33.49 -0.98 -2.53
C ASP B 23 34.69 -0.34 -1.84
N ASP B 24 35.57 0.28 -2.63
CA ASP B 24 36.76 0.90 -2.08
C ASP B 24 37.43 1.81 -3.09
N THR B 25 37.80 1.24 -4.24
CA THR B 25 38.47 2.00 -5.28
C THR B 25 38.69 1.17 -6.54
N TYR C 5 -38.33 17.59 18.37
CA TYR C 5 -37.42 16.50 18.78
C TYR C 5 -35.97 16.92 18.69
N GLU C 6 -35.14 16.37 19.57
CA GLU C 6 -33.71 16.65 19.56
C GLU C 6 -33.12 15.94 18.34
N LYS C 7 -33.99 15.24 17.62
CA LYS C 7 -33.61 14.50 16.43
C LYS C 7 -32.77 15.35 15.48
N ALA C 8 -33.30 16.49 15.08
CA ALA C 8 -32.58 17.39 14.18
C ALA C 8 -31.32 17.91 14.86
N LYS C 9 -31.40 18.10 16.17
CA LYS C 9 -30.26 18.59 16.95
C LYS C 9 -29.19 17.52 17.03
N GLU C 10 -29.62 16.27 17.20
CA GLU C 10 -28.69 15.15 17.30
C GLU C 10 -28.05 14.84 15.95
N VAL C 11 -28.86 14.83 14.89
CA VAL C 11 -28.38 14.57 13.56
C VAL C 11 -27.22 15.51 13.24
N SER C 12 -27.38 16.77 13.61
CA SER C 12 -26.34 17.77 13.39
C SER C 12 -25.14 17.46 14.27
N SER C 13 -25.38 17.37 15.57
CA SER C 13 -24.33 17.07 16.54
C SER C 13 -23.50 15.86 16.11
N ALA C 14 -24.17 14.83 15.63
CA ALA C 14 -23.50 13.62 15.18
C ALA C 14 -22.64 13.88 13.94
N LEU C 15 -23.17 14.68 13.02
CA LEU C 15 -22.45 15.02 11.80
C LEU C 15 -21.23 15.87 12.13
N SER C 16 -21.38 16.72 13.13
CA SER C 16 -20.29 17.59 13.56
C SER C 16 -19.12 16.75 14.08
N LYS C 17 -19.42 15.85 15.02
CA LYS C 17 -18.40 14.98 15.58
C LYS C 17 -17.66 14.22 14.49
N VAL C 18 -18.40 13.82 13.46
CA VAL C 18 -17.81 13.08 12.35
C VAL C 18 -16.91 13.95 11.50
N LEU C 19 -17.40 15.11 11.09
CA LEU C 19 -16.62 16.03 10.28
C LEU C 19 -15.32 16.43 10.96
N SER C 20 -15.37 16.55 12.29
CA SER C 20 -14.19 16.91 13.06
C SER C 20 -13.17 15.78 12.94
N LYS C 21 -13.65 14.55 12.88
CA LYS C 21 -12.79 13.39 12.74
C LYS C 21 -12.24 13.34 11.32
N ILE C 22 -13.12 13.52 10.33
CA ILE C 22 -12.71 13.53 8.93
C ILE C 22 -11.64 14.61 8.76
N ASP C 23 -11.59 15.54 9.71
CA ASP C 23 -10.63 16.63 9.69
C ASP C 23 -9.23 16.15 10.06
#